data_6LP8
#
_entry.id   6LP8
#
_cell.length_a   90.558
_cell.length_b   90.558
_cell.length_c   122.427
_cell.angle_alpha   90.000
_cell.angle_beta   90.000
_cell.angle_gamma   120.000
#
_symmetry.space_group_name_H-M   'P 32 2 1'
#
loop_
_entity.id
_entity.type
_entity.pdbx_description
1 polymer 'Dihydroorotate dehydrogenase (quinone), mitochondrial'
2 non-polymer 'FLAVIN MONONUCLEOTIDE'
3 non-polymer 'OROTIC ACID'
4 non-polymer 'SULFATE ION'
5 non-polymer 'ACETATE ION'
6 non-polymer 'LAURYL DIMETHYLAMINE-N-OXIDE'
7 non-polymer 3-[4-[3-(dimethylamino)phenyl]-3,5-bis(fluoranyl)phenyl]benzo[f]benzotriazole-4,9-dione
8 non-polymer 'SODIUM ION'
9 water water
#
_entity_poly.entity_id   1
_entity_poly.type   'polypeptide(L)'
_entity_poly.pdbx_seq_one_letter_code
;ATGDERFYAEHLMPTLQGLLDPESAHRLAVRFTSLGLLPRARFQDSDMLEVRVLGHKFRNPVGIAAGFDKHGEAVDGLYK
MGFGFVEIGSVTPKPQEGNPRPRVFRLPEDQAVINRYGFNSHGLSVVEHRLRARQQKQAKLTEDGLPLGVNLGKNKTSVD
AAEDYAEGVRVLGPLADYLVVNVSSPNTAGLRSLQGKAELRRLLTKVLQERDGLRRVHRPAVLVKIAPDLTSQDKEDIAS
VVKELGIDGLIVTNTTVSRPAGLQGALRSETGGLSGKPLRDLSTQTIREMYALTQGRVPIIGVGGVSSGQDALEKIRAGA
SLVQLYTALTFWGPPVVGKVKRELEALLKEQGFGGVTDAIGADHRR
;
_entity_poly.pdbx_strand_id   A
#
loop_
_chem_comp.id
_chem_comp.type
_chem_comp.name
_chem_comp.formula
ACT non-polymer 'ACETATE ION' 'C2 H3 O2 -1'
B6O non-polymer 3-[4-[3-(dimethylamino)phenyl]-3,5-bis(fluoranyl)phenyl]benzo[f]benzotriazole-4,9-dione 'C24 H16 F2 N4 O2'
FMN non-polymer 'FLAVIN MONONUCLEOTIDE' 'C17 H21 N4 O9 P'
LDA non-polymer 'LAURYL DIMETHYLAMINE-N-OXIDE' 'C14 H31 N O'
NA non-polymer 'SODIUM ION' 'Na 1'
ORO non-polymer 'OROTIC ACID' 'C5 H4 N2 O4'
SO4 non-polymer 'SULFATE ION' 'O4 S -2'
#
# COMPACT_ATOMS: atom_id res chain seq x y z
N ALA A 1 12.55 19.69 -11.15
CA ALA A 1 11.29 19.21 -10.60
C ALA A 1 10.21 19.08 -11.67
N THR A 2 9.58 20.20 -12.01
CA THR A 2 8.50 20.18 -12.98
C THR A 2 9.05 19.78 -14.36
N GLY A 3 10.34 20.02 -14.58
CA GLY A 3 10.99 19.61 -15.82
C GLY A 3 10.98 18.11 -15.99
N ASP A 4 11.54 17.40 -15.02
CA ASP A 4 11.54 15.94 -15.04
C ASP A 4 10.12 15.37 -15.08
N GLU A 5 9.21 15.99 -14.34
CA GLU A 5 7.83 15.50 -14.28
C GLU A 5 7.21 15.46 -15.67
N ARG A 6 7.34 16.55 -16.42
CA ARG A 6 6.77 16.62 -17.75
C ARG A 6 7.45 15.67 -18.73
N PHE A 7 8.77 15.56 -18.65
CA PHE A 7 9.52 14.69 -19.54
C PHE A 7 9.13 13.23 -19.36
N TYR A 8 9.04 12.80 -18.09
CA TYR A 8 8.64 11.43 -17.80
C TYR A 8 7.21 11.16 -18.25
N ALA A 9 6.31 12.08 -17.93
CA ALA A 9 4.89 11.88 -18.17
C ALA A 9 4.54 11.93 -19.66
N GLU A 10 5.21 12.82 -20.39
CA GLU A 10 4.85 13.07 -21.79
C GLU A 10 5.66 12.24 -22.79
N HIS A 11 6.88 11.88 -22.43
CA HIS A 11 7.80 11.24 -23.37
C HIS A 11 8.31 9.90 -22.90
N LEU A 12 9.03 9.89 -21.79
CA LEU A 12 9.75 8.70 -21.38
C LEU A 12 8.82 7.53 -21.02
N MET A 13 7.81 7.79 -20.19
CA MET A 13 6.97 6.68 -19.74
C MET A 13 6.10 6.13 -20.88
N PRO A 14 5.51 7.02 -21.70
CA PRO A 14 4.80 6.47 -22.86
C PRO A 14 5.69 5.62 -23.76
N THR A 15 6.95 6.03 -23.91
CA THR A 15 7.90 5.29 -24.74
C THR A 15 8.25 3.94 -24.13
N LEU A 16 8.57 3.92 -22.85
CA LEU A 16 8.84 2.65 -22.16
C LEU A 16 7.67 1.69 -22.30
N GLN A 17 6.45 2.20 -22.14
CA GLN A 17 5.26 1.37 -22.21
C GLN A 17 5.06 0.81 -23.62
N GLY A 18 5.49 1.57 -24.61
CA GLY A 18 5.42 1.11 -25.99
C GLY A 18 6.39 -0.03 -26.25
N LEU A 19 7.48 -0.06 -25.50
CA LEU A 19 8.54 -1.04 -25.73
C LEU A 19 8.38 -2.31 -24.90
N LEU A 20 7.80 -2.16 -23.70
CA LEU A 20 7.81 -3.23 -22.71
C LEU A 20 6.40 -3.58 -22.25
N ASP A 21 6.13 -4.87 -22.19
CA ASP A 21 4.88 -5.35 -21.61
C ASP A 21 4.89 -4.97 -20.14
N PRO A 22 3.71 -4.92 -19.51
CA PRO A 22 3.62 -4.43 -18.13
C PRO A 22 4.50 -5.16 -17.11
N GLU A 23 4.53 -6.49 -17.12
CA GLU A 23 5.35 -7.19 -16.14
C GLU A 23 6.85 -6.96 -16.38
N SER A 24 7.28 -6.95 -17.64
CA SER A 24 8.67 -6.62 -17.93
C SER A 24 9.02 -5.21 -17.46
N ALA A 25 8.10 -4.26 -17.66
CA ALA A 25 8.31 -2.89 -17.25
C ALA A 25 8.40 -2.79 -15.73
N HIS A 26 7.56 -3.56 -15.04
CA HIS A 26 7.59 -3.62 -13.58
C HIS A 26 8.95 -4.13 -13.10
N ARG A 27 9.42 -5.22 -13.70
CA ARG A 27 10.70 -5.79 -13.34
C ARG A 27 11.84 -4.78 -13.55
N LEU A 28 11.79 -4.08 -14.68
CA LEU A 28 12.80 -3.06 -14.96
C LEU A 28 12.75 -1.93 -13.95
N ALA A 29 11.53 -1.52 -13.58
CA ALA A 29 11.34 -0.47 -12.58
C ALA A 29 11.96 -0.86 -11.23
N VAL A 30 11.76 -2.11 -10.82
CA VAL A 30 12.36 -2.59 -9.58
C VAL A 30 13.89 -2.60 -9.69
N ARG A 31 14.39 -3.07 -10.82
CA ARG A 31 15.84 -3.10 -11.03
C ARG A 31 16.46 -1.71 -10.98
N PHE A 32 15.92 -0.76 -11.75
CA PHE A 32 16.40 0.62 -11.72
C PHE A 32 16.38 1.16 -10.29
N THR A 33 15.27 0.92 -9.61
CA THR A 33 15.09 1.50 -8.29
C THR A 33 16.09 0.92 -7.32
N SER A 34 16.27 -0.40 -7.37
CA SER A 34 17.20 -1.07 -6.46
C SER A 34 18.63 -0.59 -6.69
N LEU A 35 18.93 -0.15 -7.91
CA LEU A 35 20.26 0.38 -8.24
C LEU A 35 20.39 1.88 -8.00
N GLY A 36 19.30 2.52 -7.59
CA GLY A 36 19.31 3.95 -7.33
C GLY A 36 19.36 4.78 -8.60
N LEU A 37 19.05 4.16 -9.73
CA LEU A 37 19.06 4.87 -11.02
C LEU A 37 17.81 5.70 -11.14
N LEU A 38 17.89 6.89 -10.58
CA LEU A 38 16.80 7.84 -10.61
C LEU A 38 17.36 9.14 -10.06
N PRO A 39 16.70 10.26 -10.36
CA PRO A 39 17.13 11.52 -9.73
C PRO A 39 16.81 11.55 -8.24
N ARG A 40 17.83 11.72 -7.39
CA ARG A 40 17.62 11.93 -5.97
C ARG A 40 16.70 13.13 -5.79
N ALA A 41 15.49 12.87 -5.32
CA ALA A 41 14.42 13.86 -5.25
C ALA A 41 14.88 15.18 -4.63
N ARG A 42 14.67 16.27 -5.37
CA ARG A 42 15.09 17.59 -4.92
C ARG A 42 14.12 18.17 -3.90
N PHE A 43 12.92 17.62 -3.82
CA PHE A 43 11.91 18.12 -2.88
C PHE A 43 12.31 17.82 -1.44
N GLN A 44 12.65 18.87 -0.69
CA GLN A 44 12.92 18.75 0.73
C GLN A 44 11.59 18.71 1.48
N ASP A 45 11.38 17.65 2.26
CA ASP A 45 10.14 17.50 3.01
C ASP A 45 10.04 18.60 4.05
N SER A 46 8.93 19.32 4.04
CA SER A 46 8.67 20.35 5.03
C SER A 46 8.06 19.76 6.27
N ASP A 47 8.09 20.53 7.35
CA ASP A 47 7.56 20.08 8.62
C ASP A 47 6.04 19.84 8.57
N MET A 48 5.33 20.53 7.70
CA MET A 48 3.89 20.37 7.71
C MET A 48 3.45 19.05 7.05
N LEU A 49 4.39 18.32 6.45
CA LEU A 49 4.08 16.99 5.92
C LEU A 49 4.35 15.87 6.92
N GLU A 50 4.93 16.22 8.07
CA GLU A 50 5.22 15.20 9.07
C GLU A 50 3.97 14.69 9.78
N VAL A 51 3.93 13.38 9.97
CA VAL A 51 2.83 12.71 10.65
C VAL A 51 3.36 11.75 11.71
N ARG A 52 2.76 11.80 12.89
CA ARG A 52 3.07 10.85 13.93
C ARG A 52 1.89 9.93 14.15
N VAL A 53 2.08 8.66 13.81
CA VAL A 53 1.02 7.67 13.90
C VAL A 53 1.63 6.26 13.92
N LEU A 54 0.87 5.28 14.42
CA LEU A 54 1.31 3.88 14.47
C LEU A 54 2.59 3.73 15.30
N GLY A 55 2.83 4.67 16.21
CA GLY A 55 4.00 4.63 17.07
C GLY A 55 5.28 5.13 16.40
N HIS A 56 5.14 5.80 15.26
CA HIS A 56 6.30 6.27 14.52
C HIS A 56 6.13 7.66 13.93
N LYS A 57 7.26 8.28 13.62
CA LYS A 57 7.27 9.51 12.84
C LYS A 57 7.38 9.16 11.38
N PHE A 58 6.56 9.82 10.56
CA PHE A 58 6.66 9.71 9.11
C PHE A 58 7.03 11.08 8.57
N ARG A 59 8.19 11.16 7.91
CA ARG A 59 8.72 12.42 7.41
C ARG A 59 7.75 13.08 6.40
N ASN A 60 7.08 12.25 5.62
CA ASN A 60 6.00 12.73 4.75
C ASN A 60 4.98 11.61 4.67
N PRO A 61 3.75 11.92 4.24
CA PRO A 61 2.66 10.94 4.33
C PRO A 61 2.46 10.09 3.09
N VAL A 62 3.41 10.12 2.15
CA VAL A 62 3.24 9.42 0.87
C VAL A 62 4.12 8.19 0.80
N GLY A 63 3.49 7.03 0.80
CA GLY A 63 4.18 5.75 0.79
C GLY A 63 4.01 4.99 -0.50
N ILE A 64 4.86 4.00 -0.71
CA ILE A 64 4.72 3.09 -1.84
C ILE A 64 3.89 1.90 -1.36
N ALA A 65 2.81 1.63 -2.07
CA ALA A 65 1.89 0.56 -1.69
C ALA A 65 2.51 -0.81 -1.90
N ALA A 66 1.98 -1.81 -1.19
CA ALA A 66 2.39 -3.19 -1.38
C ALA A 66 2.25 -3.62 -2.84
N GLY A 67 3.16 -4.49 -3.25
CA GLY A 67 3.06 -5.13 -4.54
C GLY A 67 4.01 -4.60 -5.60
N PHE A 68 4.66 -3.48 -5.32
CA PHE A 68 5.66 -2.96 -6.22
C PHE A 68 6.97 -3.68 -5.94
N ASP A 69 7.36 -3.64 -4.67
CA ASP A 69 8.55 -4.38 -4.21
C ASP A 69 8.07 -5.56 -3.39
N LYS A 70 7.68 -6.63 -4.07
CA LYS A 70 7.07 -7.77 -3.42
C LYS A 70 8.07 -8.51 -2.53
N HIS A 71 9.34 -8.47 -2.91
CA HIS A 71 10.33 -9.35 -2.27
C HIS A 71 11.41 -8.59 -1.48
N GLY A 72 11.19 -7.29 -1.27
CA GLY A 72 12.09 -6.49 -0.46
C GLY A 72 13.44 -6.23 -1.10
N GLU A 73 13.42 -5.98 -2.41
CA GLU A 73 14.63 -5.82 -3.20
C GLU A 73 15.05 -4.39 -3.49
N ALA A 74 14.17 -3.43 -3.22
CA ALA A 74 14.38 -2.07 -3.67
C ALA A 74 14.04 -1.04 -2.60
N VAL A 75 14.09 -1.44 -1.33
CA VAL A 75 13.64 -0.59 -0.24
C VAL A 75 14.39 0.74 -0.18
N ASP A 76 15.72 0.69 -0.25
CA ASP A 76 16.49 1.90 -0.12
C ASP A 76 16.29 2.82 -1.33
N GLY A 77 16.15 2.24 -2.51
CA GLY A 77 15.84 2.99 -3.71
C GLY A 77 14.51 3.71 -3.62
N LEU A 78 13.55 3.08 -2.95
CA LEU A 78 12.23 3.69 -2.81
C LEU A 78 12.27 4.88 -1.85
N TYR A 79 13.05 4.79 -0.77
CA TYR A 79 13.25 5.97 0.07
C TYR A 79 13.93 7.07 -0.72
N LYS A 80 14.88 6.68 -1.57
CA LYS A 80 15.59 7.66 -2.41
C LYS A 80 14.62 8.36 -3.36
N MET A 81 13.59 7.64 -3.78
CA MET A 81 12.59 8.20 -4.68
C MET A 81 11.75 9.29 -3.97
N GLY A 82 11.77 9.29 -2.65
CA GLY A 82 11.11 10.32 -1.86
C GLY A 82 9.90 9.85 -1.05
N PHE A 83 9.63 8.54 -1.07
CA PHE A 83 8.53 8.00 -0.27
C PHE A 83 8.83 8.17 1.21
N GLY A 84 7.81 8.56 1.98
CA GLY A 84 7.93 8.73 3.41
C GLY A 84 7.93 7.41 4.15
N PHE A 85 7.46 6.35 3.49
CA PHE A 85 7.49 5.02 4.07
C PHE A 85 7.34 4.01 2.95
N VAL A 86 7.80 2.81 3.20
CA VAL A 86 7.85 1.76 2.21
C VAL A 86 7.14 0.53 2.75
N GLU A 87 6.26 -0.05 1.96
CA GLU A 87 5.63 -1.31 2.29
C GLU A 87 6.02 -2.36 1.26
N ILE A 88 6.65 -3.43 1.72
CA ILE A 88 7.01 -4.53 0.85
C ILE A 88 6.00 -5.65 0.97
N GLY A 89 6.08 -6.60 0.04
CA GLY A 89 5.16 -7.72 0.02
C GLY A 89 4.12 -7.58 -1.06
N SER A 90 3.10 -8.44 -1.07
CA SER A 90 2.88 -9.46 -0.06
C SER A 90 3.90 -10.59 -0.09
N VAL A 91 4.30 -11.05 1.09
CA VAL A 91 5.22 -12.18 1.21
C VAL A 91 4.49 -13.41 1.73
N THR A 92 4.66 -14.54 1.07
CA THR A 92 4.02 -15.79 1.48
C THR A 92 5.02 -16.65 2.25
N PRO A 93 4.53 -17.58 3.08
CA PRO A 93 5.48 -18.38 3.88
C PRO A 93 6.48 -19.13 3.04
N LYS A 94 6.02 -19.95 2.11
CA LYS A 94 6.90 -20.65 1.19
C LYS A 94 6.97 -19.89 -0.13
N PRO A 95 8.07 -20.02 -0.86
CA PRO A 95 8.11 -19.43 -2.21
C PRO A 95 6.99 -19.98 -3.08
N GLN A 96 6.44 -19.15 -3.96
CA GLN A 96 5.50 -19.64 -4.95
C GLN A 96 5.53 -18.73 -6.16
N GLU A 97 5.18 -19.30 -7.31
CA GLU A 97 5.40 -18.62 -8.59
C GLU A 97 4.28 -17.65 -8.96
N GLY A 98 3.10 -17.87 -8.41
CA GLY A 98 1.94 -17.06 -8.79
C GLY A 98 1.33 -17.58 -10.08
N ASN A 99 0.47 -16.77 -10.70
CA ASN A 99 -0.27 -17.18 -11.87
C ASN A 99 0.55 -17.19 -13.17
N PRO A 100 0.10 -17.95 -14.18
CA PRO A 100 0.74 -17.95 -15.50
C PRO A 100 0.73 -16.57 -16.13
N ARG A 101 1.75 -16.26 -16.95
CA ARG A 101 1.77 -15.02 -17.72
C ARG A 101 1.03 -15.18 -19.04
N PRO A 102 0.41 -14.10 -19.54
CA PRO A 102 0.41 -12.74 -18.98
C PRO A 102 -0.54 -12.60 -17.79
N ARG A 103 -0.18 -11.74 -16.84
CA ARG A 103 -0.93 -11.58 -15.61
C ARG A 103 -0.97 -10.13 -15.14
N VAL A 104 -0.49 -9.23 -15.98
CA VAL A 104 -0.52 -7.79 -15.71
C VAL A 104 -0.91 -7.08 -17.00
N PHE A 105 -1.83 -6.13 -16.91
CA PHE A 105 -2.40 -5.47 -18.09
C PHE A 105 -2.56 -3.96 -17.87
N ARG A 106 -2.12 -3.16 -18.85
CA ARG A 106 -2.31 -1.71 -18.78
C ARG A 106 -3.62 -1.30 -19.46
N LEU A 107 -4.31 -0.32 -18.86
CA LEU A 107 -5.50 0.31 -19.44
C LEU A 107 -5.18 1.79 -19.56
N PRO A 108 -4.38 2.16 -20.57
CA PRO A 108 -3.86 3.53 -20.61
C PRO A 108 -4.96 4.59 -20.74
N GLU A 109 -6.04 4.26 -21.45
CA GLU A 109 -7.15 5.18 -21.62
C GLU A 109 -7.86 5.49 -20.31
N ASP A 110 -7.63 4.64 -19.32
CA ASP A 110 -8.29 4.76 -18.01
C ASP A 110 -7.32 5.13 -16.90
N GLN A 111 -6.04 5.29 -17.24
CA GLN A 111 -4.95 5.37 -16.27
C GLN A 111 -5.12 4.32 -15.17
N ALA A 112 -5.25 3.09 -15.62
CA ALA A 112 -5.51 1.95 -14.75
C ALA A 112 -4.63 0.77 -15.13
N VAL A 113 -4.56 -0.17 -14.22
CA VAL A 113 -3.90 -1.45 -14.41
C VAL A 113 -4.81 -2.54 -13.89
N ILE A 114 -4.76 -3.71 -14.52
CA ILE A 114 -5.39 -4.91 -13.97
C ILE A 114 -4.30 -5.93 -13.78
N ASN A 115 -4.24 -6.50 -12.58
CA ASN A 115 -3.27 -7.56 -12.32
C ASN A 115 -3.88 -8.78 -11.67
N ARG A 116 -3.31 -9.92 -12.02
CA ARG A 116 -3.61 -11.19 -11.36
C ARG A 116 -2.32 -11.95 -11.11
N TYR A 117 -1.36 -11.27 -10.47
CA TYR A 117 -0.06 -11.89 -10.17
C TYR A 117 -0.21 -13.19 -9.39
N GLY A 118 -1.13 -13.20 -8.43
CA GLY A 118 -1.39 -14.40 -7.65
C GLY A 118 -0.36 -14.64 -6.55
N PHE A 119 0.12 -13.56 -5.95
CA PHE A 119 1.05 -13.62 -4.83
C PHE A 119 2.32 -14.40 -5.17
N ASN A 120 2.91 -14.05 -6.30
CA ASN A 120 4.26 -14.50 -6.60
C ASN A 120 5.16 -14.01 -5.47
N SER A 121 5.92 -14.90 -4.85
CA SER A 121 6.71 -14.49 -3.70
C SER A 121 7.96 -15.33 -3.55
N HIS A 122 9.08 -14.67 -3.24
CA HIS A 122 10.32 -15.36 -2.91
C HIS A 122 10.21 -16.13 -1.58
N GLY A 123 9.17 -15.84 -0.80
CA GLY A 123 8.95 -16.52 0.46
C GLY A 123 9.61 -15.86 1.67
N LEU A 124 9.16 -16.24 2.85
CA LEU A 124 9.58 -15.58 4.08
C LEU A 124 11.09 -15.66 4.34
N SER A 125 11.69 -16.82 4.12
N SER A 125 11.69 -16.83 4.12
CA SER A 125 13.09 -17.00 4.47
CA SER A 125 13.09 -17.02 4.44
C SER A 125 13.99 -16.08 3.64
C SER A 125 13.98 -16.08 3.64
N VAL A 126 13.76 -16.04 2.32
CA VAL A 126 14.54 -15.15 1.45
C VAL A 126 14.38 -13.70 1.85
N VAL A 127 13.14 -13.26 2.07
CA VAL A 127 12.89 -11.87 2.42
C VAL A 127 13.47 -11.57 3.80
N GLU A 128 13.39 -12.52 4.74
CA GLU A 128 13.99 -12.36 6.07
C GLU A 128 15.47 -12.03 5.96
N HIS A 129 16.18 -12.82 5.17
CA HIS A 129 17.62 -12.61 5.06
C HIS A 129 17.94 -11.31 4.32
N ARG A 130 17.11 -10.96 3.34
CA ARG A 130 17.28 -9.70 2.65
C ARG A 130 17.12 -8.49 3.59
N LEU A 131 16.12 -8.52 4.45
CA LEU A 131 15.93 -7.44 5.40
C LEU A 131 16.99 -7.45 6.51
N ARG A 132 17.43 -8.63 6.93
CA ARG A 132 18.46 -8.73 7.96
C ARG A 132 19.76 -8.06 7.50
N ALA A 133 20.03 -8.13 6.21
CA ALA A 133 21.26 -7.56 5.67
C ALA A 133 21.33 -6.04 5.82
N ARG A 134 20.17 -5.41 6.03
CA ARG A 134 20.08 -3.96 6.17
C ARG A 134 19.26 -3.56 7.40
N GLN A 135 19.20 -4.45 8.39
CA GLN A 135 18.35 -4.24 9.57
C GLN A 135 18.71 -2.98 10.35
N GLN A 136 20.01 -2.71 10.55
CA GLN A 136 20.41 -1.55 11.32
C GLN A 136 20.28 -0.27 10.52
N LYS A 137 20.51 -0.38 9.21
CA LYS A 137 20.29 0.74 8.30
C LYS A 137 18.83 1.15 8.39
N GLN A 138 17.93 0.17 8.40
CA GLN A 138 16.51 0.46 8.53
C GLN A 138 16.17 1.07 9.90
N ALA A 139 16.80 0.56 10.97
CA ALA A 139 16.54 1.12 12.29
C ALA A 139 16.83 2.61 12.29
N LYS A 140 17.90 3.01 11.61
CA LYS A 140 18.25 4.42 11.52
C LYS A 140 17.27 5.21 10.64
N LEU A 141 16.86 4.61 9.54
CA LEU A 141 15.86 5.25 8.67
C LEU A 141 14.56 5.48 9.43
N THR A 142 14.13 4.46 10.16
CA THR A 142 12.89 4.56 10.93
C THR A 142 12.99 5.67 11.97
N GLU A 143 14.12 5.71 12.67
CA GLU A 143 14.36 6.77 13.64
C GLU A 143 14.34 8.15 12.99
N ASP A 144 14.76 8.21 11.73
CA ASP A 144 14.78 9.45 10.97
C ASP A 144 13.45 9.73 10.27
N GLY A 145 12.43 8.93 10.56
CA GLY A 145 11.09 9.21 10.08
C GLY A 145 10.73 8.52 8.78
N LEU A 146 11.41 7.40 8.47
CA LEU A 146 11.17 6.64 7.25
C LEU A 146 10.89 5.17 7.57
N PRO A 147 9.68 4.86 8.06
CA PRO A 147 9.37 3.50 8.51
C PRO A 147 9.15 2.49 7.39
N LEU A 148 9.19 1.22 7.77
CA LEU A 148 9.05 0.07 6.88
C LEU A 148 7.85 -0.79 7.29
N GLY A 149 6.98 -1.06 6.32
CA GLY A 149 5.90 -1.99 6.49
C GLY A 149 6.14 -3.27 5.72
N VAL A 150 5.62 -4.37 6.24
CA VAL A 150 5.67 -5.66 5.56
C VAL A 150 4.26 -6.24 5.46
N ASN A 151 3.85 -6.52 4.23
CA ASN A 151 2.54 -7.09 3.94
C ASN A 151 2.66 -8.60 3.84
N LEU A 152 1.86 -9.31 4.63
CA LEU A 152 1.94 -10.75 4.77
C LEU A 152 0.83 -11.45 4.02
N GLY A 153 1.19 -12.41 3.19
CA GLY A 153 0.22 -13.18 2.45
C GLY A 153 0.19 -14.63 2.89
N LYS A 154 -0.59 -15.42 2.18
CA LYS A 154 -0.64 -16.86 2.45
C LYS A 154 -0.45 -17.63 1.16
N ASN A 155 0.05 -18.85 1.29
CA ASN A 155 0.28 -19.68 0.12
C ASN A 155 -1.03 -20.19 -0.47
N LYS A 156 -1.02 -20.39 -1.77
CA LYS A 156 -2.17 -20.90 -2.50
C LYS A 156 -2.67 -22.23 -1.92
N THR A 157 -1.74 -23.09 -1.52
CA THR A 157 -2.10 -24.44 -1.06
C THR A 157 -2.31 -24.54 0.45
N SER A 158 -2.24 -23.41 1.14
CA SER A 158 -2.35 -23.43 2.60
C SER A 158 -3.68 -24.03 3.08
N VAL A 159 -3.60 -24.86 4.11
CA VAL A 159 -4.77 -25.46 4.73
C VAL A 159 -5.30 -24.59 5.88
N ASP A 160 -4.40 -23.81 6.47
CA ASP A 160 -4.74 -22.98 7.61
C ASP A 160 -4.19 -21.56 7.42
N ALA A 161 -5.06 -20.66 6.96
CA ALA A 161 -4.67 -19.29 6.64
C ALA A 161 -4.06 -18.59 7.84
N ALA A 162 -4.67 -18.79 9.01
CA ALA A 162 -4.21 -18.10 10.21
C ALA A 162 -2.76 -18.51 10.52
N GLU A 163 -2.43 -19.77 10.26
CA GLU A 163 -1.07 -20.21 10.56
C GLU A 163 -0.07 -19.59 9.58
N ASP A 164 -0.45 -19.46 8.30
CA ASP A 164 0.40 -18.73 7.35
C ASP A 164 0.70 -17.34 7.84
N TYR A 165 -0.32 -16.61 8.27
CA TYR A 165 -0.10 -15.25 8.73
C TYR A 165 0.72 -15.24 10.03
N ALA A 166 0.46 -16.19 10.91
CA ALA A 166 1.21 -16.28 12.16
C ALA A 166 2.70 -16.51 11.88
N GLU A 167 2.99 -17.36 10.91
CA GLU A 167 4.39 -17.60 10.52
C GLU A 167 5.04 -16.30 10.03
N GLY A 168 4.30 -15.53 9.25
CA GLY A 168 4.79 -14.25 8.77
C GLY A 168 5.09 -13.27 9.89
N VAL A 169 4.22 -13.25 10.90
CA VAL A 169 4.42 -12.38 12.05
C VAL A 169 5.71 -12.77 12.76
N ARG A 170 5.88 -14.07 12.97
CA ARG A 170 7.05 -14.55 13.66
C ARG A 170 8.35 -14.28 12.91
N VAL A 171 8.33 -14.45 11.58
CA VAL A 171 9.56 -14.35 10.80
C VAL A 171 9.90 -12.91 10.41
N LEU A 172 8.92 -12.13 9.96
CA LEU A 172 9.19 -10.76 9.50
C LEU A 172 8.74 -9.67 10.45
N GLY A 173 7.87 -10.01 11.40
CA GLY A 173 7.48 -9.04 12.41
C GLY A 173 8.65 -8.35 13.08
N PRO A 174 9.70 -9.12 13.43
CA PRO A 174 10.83 -8.49 14.13
C PRO A 174 11.63 -7.51 13.27
N LEU A 175 11.36 -7.48 11.97
CA LEU A 175 12.11 -6.64 11.03
C LEU A 175 11.25 -5.48 10.49
N ALA A 176 10.02 -5.37 10.99
CA ALA A 176 9.04 -4.43 10.43
C ALA A 176 8.57 -3.41 11.46
N ASP A 177 8.29 -2.19 11.01
CA ASP A 177 7.63 -1.21 11.87
C ASP A 177 6.13 -1.48 11.95
N TYR A 178 5.57 -1.99 10.85
CA TYR A 178 4.19 -2.45 10.85
C TYR A 178 4.02 -3.63 9.91
N LEU A 179 3.05 -4.47 10.26
CA LEU A 179 2.69 -5.62 9.47
C LEU A 179 1.29 -5.39 8.92
N VAL A 180 1.02 -5.99 7.77
CA VAL A 180 -0.29 -5.95 7.14
C VAL A 180 -0.82 -7.33 6.84
N VAL A 181 -2.07 -7.57 7.22
CA VAL A 181 -2.80 -8.75 6.83
C VAL A 181 -3.95 -8.35 5.90
N ASN A 182 -3.96 -8.86 4.67
CA ASN A 182 -5.10 -8.66 3.76
C ASN A 182 -6.30 -9.52 4.09
N VAL A 183 -7.47 -8.91 4.09
CA VAL A 183 -8.69 -9.68 3.97
C VAL A 183 -9.28 -9.32 2.61
N SER A 184 -8.39 -9.08 1.63
CA SER A 184 -8.76 -8.28 0.46
C SER A 184 -8.14 -8.54 -0.92
N SER A 185 -7.16 -9.42 -1.06
CA SER A 185 -6.62 -9.62 -2.41
C SER A 185 -7.57 -10.43 -3.29
N PRO A 186 -7.70 -10.03 -4.57
CA PRO A 186 -8.66 -10.67 -5.47
C PRO A 186 -8.15 -11.93 -6.17
N ASN A 187 -6.88 -12.27 -5.98
CA ASN A 187 -6.22 -13.30 -6.79
C ASN A 187 -5.72 -14.50 -6.00
N THR A 188 -6.36 -14.78 -4.87
CA THR A 188 -6.14 -16.03 -4.16
C THR A 188 -7.50 -16.54 -3.70
N ALA A 189 -7.83 -17.76 -4.15
CA ALA A 189 -9.14 -18.34 -3.90
C ALA A 189 -9.44 -18.48 -2.41
N GLY A 190 -10.44 -17.73 -1.96
CA GLY A 190 -10.92 -17.82 -0.60
C GLY A 190 -10.31 -16.83 0.38
N LEU A 191 -9.35 -16.04 -0.08
CA LEU A 191 -8.65 -15.11 0.79
C LEU A 191 -9.58 -14.03 1.35
N ARG A 192 -10.42 -13.48 0.48
CA ARG A 192 -11.30 -12.40 0.86
C ARG A 192 -12.40 -12.88 1.82
N SER A 193 -12.70 -14.17 1.78
CA SER A 193 -13.68 -14.76 2.70
C SER A 193 -13.18 -14.77 4.14
N LEU A 194 -11.94 -14.30 4.34
CA LEU A 194 -11.42 -14.05 5.67
C LEU A 194 -12.03 -12.77 6.25
N GLN A 195 -13.00 -12.20 5.55
CA GLN A 195 -13.71 -10.99 5.97
C GLN A 195 -14.92 -11.27 6.86
N GLY A 196 -15.33 -12.53 6.95
CA GLY A 196 -16.44 -12.94 7.79
C GLY A 196 -16.12 -12.85 9.27
N LYS A 197 -17.09 -12.47 10.10
CA LYS A 197 -16.80 -11.92 11.42
C LYS A 197 -16.14 -12.87 12.43
N ALA A 198 -16.83 -13.92 12.84
CA ALA A 198 -16.32 -14.80 13.91
C ALA A 198 -14.97 -15.41 13.52
N GLU A 199 -14.84 -15.74 12.24
CA GLU A 199 -13.62 -16.29 11.71
C GLU A 199 -12.56 -15.20 11.59
N LEU A 200 -12.98 -13.99 11.24
CA LEU A 200 -12.06 -12.85 11.16
C LEU A 200 -11.50 -12.54 12.54
N ARG A 201 -12.36 -12.58 13.54
CA ARG A 201 -11.94 -12.39 14.93
C ARG A 201 -10.91 -13.44 15.32
N ARG A 202 -11.17 -14.69 14.94
CA ARG A 202 -10.27 -15.80 15.26
C ARG A 202 -8.90 -15.59 14.62
N LEU A 203 -8.91 -15.23 13.34
CA LEU A 203 -7.68 -14.98 12.60
C LEU A 203 -6.87 -13.85 13.21
N LEU A 204 -7.51 -12.73 13.47
CA LEU A 204 -6.80 -11.55 13.94
C LEU A 204 -6.37 -11.71 15.39
N THR A 205 -7.12 -12.47 16.17
CA THR A 205 -6.72 -12.78 17.54
C THR A 205 -5.38 -13.53 17.54
N LYS A 206 -5.27 -14.52 16.66
CA LYS A 206 -4.06 -15.32 16.55
C LYS A 206 -2.88 -14.45 16.08
N VAL A 207 -3.11 -13.61 15.08
CA VAL A 207 -2.07 -12.70 14.61
C VAL A 207 -1.58 -11.77 15.72
N LEU A 208 -2.50 -11.19 16.49
CA LEU A 208 -2.13 -10.26 17.53
C LEU A 208 -1.40 -10.96 18.68
N GLN A 209 -1.82 -12.17 19.01
CA GLN A 209 -1.13 -12.98 20.01
C GLN A 209 0.34 -13.19 19.62
N GLU A 210 0.57 -13.56 18.37
CA GLU A 210 1.93 -13.80 17.89
C GLU A 210 2.75 -12.52 17.92
N ARG A 211 2.13 -11.41 17.52
CA ARG A 211 2.79 -10.11 17.56
C ARG A 211 3.18 -9.75 18.99
N ASP A 212 2.24 -9.94 19.91
CA ASP A 212 2.46 -9.57 21.30
C ASP A 212 3.57 -10.41 21.93
N GLY A 213 3.83 -11.57 21.35
CA GLY A 213 4.85 -12.49 21.83
C GLY A 213 6.26 -12.12 21.40
N LEU A 214 6.39 -11.08 20.57
CA LEU A 214 7.70 -10.60 20.15
C LEU A 214 8.29 -9.62 21.16
N ARG A 215 9.61 -9.62 21.28
CA ARG A 215 10.31 -8.69 22.14
C ARG A 215 10.00 -7.25 21.77
N ARG A 216 9.96 -6.40 22.80
CA ARG A 216 9.45 -5.04 22.69
C ARG A 216 10.01 -4.24 21.52
N VAL A 217 11.33 -4.24 21.32
CA VAL A 217 11.90 -3.44 20.22
C VAL A 217 11.66 -4.09 18.86
N HIS A 218 11.11 -5.29 18.85
CA HIS A 218 10.81 -6.04 17.63
C HIS A 218 9.32 -6.26 17.44
N ARG A 219 8.53 -5.42 18.09
CA ARG A 219 7.08 -5.61 18.12
C ARG A 219 6.38 -4.58 17.21
N PRO A 220 5.92 -5.01 16.03
CA PRO A 220 5.33 -4.08 15.06
C PRO A 220 3.86 -3.77 15.31
N ALA A 221 3.40 -2.64 14.77
CA ALA A 221 1.97 -2.40 14.64
C ALA A 221 1.38 -3.43 13.67
N VAL A 222 0.09 -3.74 13.83
CA VAL A 222 -0.61 -4.66 12.93
C VAL A 222 -1.80 -3.95 12.32
N LEU A 223 -1.83 -3.93 10.99
CA LEU A 223 -2.92 -3.35 10.22
C LEU A 223 -3.62 -4.40 9.38
N VAL A 224 -4.89 -4.13 9.09
CA VAL A 224 -5.69 -4.96 8.22
C VAL A 224 -5.95 -4.18 6.93
N LYS A 225 -5.67 -4.81 5.79
CA LYS A 225 -5.91 -4.21 4.49
C LYS A 225 -7.15 -4.81 3.85
N ILE A 226 -8.05 -3.93 3.45
CA ILE A 226 -9.32 -4.36 2.91
C ILE A 226 -9.52 -3.94 1.47
N ALA A 227 -10.38 -4.66 0.78
CA ALA A 227 -10.76 -4.34 -0.58
C ALA A 227 -11.89 -3.33 -0.56
N PRO A 228 -12.15 -2.68 -1.69
CA PRO A 228 -13.28 -1.75 -1.78
C PRO A 228 -14.59 -2.47 -2.06
N ASP A 229 -14.53 -3.79 -2.19
CA ASP A 229 -15.67 -4.56 -2.70
C ASP A 229 -16.56 -5.15 -1.60
N LEU A 230 -16.37 -4.66 -0.39
CA LEU A 230 -17.08 -5.17 0.77
C LEU A 230 -18.52 -4.70 0.83
N THR A 231 -19.40 -5.53 1.35
CA THR A 231 -20.76 -5.11 1.64
C THR A 231 -20.76 -4.17 2.83
N SER A 232 -21.87 -3.45 3.02
CA SER A 232 -22.02 -2.62 4.22
C SER A 232 -21.89 -3.48 5.47
N GLN A 233 -22.42 -4.69 5.43
CA GLN A 233 -22.33 -5.62 6.56
C GLN A 233 -20.87 -5.97 6.85
N ASP A 234 -20.12 -6.27 5.79
CA ASP A 234 -18.71 -6.59 5.92
C ASP A 234 -17.94 -5.47 6.61
N LYS A 235 -18.21 -4.23 6.18
CA LYS A 235 -17.51 -3.09 6.75
C LYS A 235 -17.87 -2.86 8.22
N GLU A 236 -19.14 -3.02 8.57
CA GLU A 236 -19.57 -2.93 9.96
C GLU A 236 -18.85 -3.97 10.82
N ASP A 237 -18.78 -5.19 10.30
CA ASP A 237 -18.18 -6.31 11.04
C ASP A 237 -16.68 -6.08 11.24
N ILE A 238 -16.00 -5.65 10.18
CA ILE A 238 -14.57 -5.38 10.27
C ILE A 238 -14.28 -4.25 11.26
N ALA A 239 -15.05 -3.17 11.19
CA ALA A 239 -14.87 -2.05 12.12
C ALA A 239 -15.03 -2.53 13.57
N SER A 240 -16.01 -3.38 13.79
CA SER A 240 -16.30 -3.89 15.12
C SER A 240 -15.16 -4.76 15.66
N VAL A 241 -14.70 -5.70 14.84
CA VAL A 241 -13.61 -6.59 15.24
C VAL A 241 -12.32 -5.81 15.46
N VAL A 242 -12.05 -4.86 14.58
CA VAL A 242 -10.84 -4.04 14.69
C VAL A 242 -10.82 -3.28 16.02
N LYS A 243 -11.96 -2.72 16.40
CA LYS A 243 -12.04 -1.99 17.67
C LYS A 243 -11.97 -2.93 18.86
N GLU A 244 -12.66 -4.05 18.77
CA GLU A 244 -12.71 -5.04 19.84
C GLU A 244 -11.31 -5.56 20.20
N LEU A 245 -10.53 -5.85 19.17
CA LEU A 245 -9.24 -6.50 19.34
C LEU A 245 -8.06 -5.54 19.48
N GLY A 246 -8.27 -4.27 19.19
CA GLY A 246 -7.19 -3.28 19.28
C GLY A 246 -6.22 -3.36 18.13
N ILE A 247 -6.74 -3.71 16.96
CA ILE A 247 -5.96 -3.63 15.72
C ILE A 247 -5.46 -2.21 15.55
N ASP A 248 -4.21 -2.04 15.12
CA ASP A 248 -3.56 -0.74 15.16
C ASP A 248 -3.95 0.18 14.02
N GLY A 249 -4.46 -0.37 12.93
CA GLY A 249 -4.83 0.44 11.79
C GLY A 249 -5.42 -0.36 10.65
N LEU A 250 -5.87 0.38 9.64
CA LEU A 250 -6.47 -0.17 8.43
C LEU A 250 -5.76 0.38 7.20
N ILE A 251 -5.61 -0.45 6.17
CA ILE A 251 -5.17 0.03 4.86
C ILE A 251 -6.36 -0.10 3.92
N VAL A 252 -6.70 1.01 3.28
CA VAL A 252 -7.97 1.16 2.59
C VAL A 252 -7.68 1.92 1.29
N THR A 253 -7.59 1.28 0.11
CA THR A 253 -7.98 -0.11 -0.18
C THR A 253 -7.00 -0.84 -1.08
N ASN A 254 -7.19 -2.15 -1.14
CA ASN A 254 -6.64 -3.01 -2.20
C ASN A 254 -7.33 -2.70 -3.53
N THR A 255 -6.97 -3.46 -4.56
CA THR A 255 -7.61 -3.31 -5.87
C THR A 255 -9.05 -3.81 -5.85
N THR A 256 -9.81 -3.43 -6.88
CA THR A 256 -11.21 -3.84 -6.99
C THR A 256 -11.44 -4.91 -8.06
N VAL A 257 -12.30 -5.87 -7.75
CA VAL A 257 -12.74 -6.86 -8.74
C VAL A 257 -13.98 -6.36 -9.46
N SER A 258 -14.45 -5.18 -9.09
CA SER A 258 -15.51 -4.53 -9.85
C SER A 258 -14.91 -3.90 -11.11
N ARG A 259 -15.80 -3.60 -12.06
CA ARG A 259 -15.40 -2.89 -13.25
C ARG A 259 -16.34 -1.72 -13.43
N PRO A 260 -15.93 -0.55 -12.90
CA PRO A 260 -16.81 0.62 -13.00
C PRO A 260 -17.27 0.90 -14.42
N ALA A 261 -18.50 1.38 -14.58
CA ALA A 261 -18.97 1.75 -15.90
C ALA A 261 -18.03 2.78 -16.49
N GLY A 262 -17.82 2.72 -17.79
CA GLY A 262 -17.05 3.74 -18.50
C GLY A 262 -15.60 3.41 -18.79
N LEU A 263 -15.10 2.28 -18.30
CA LEU A 263 -13.74 1.87 -18.67
C LEU A 263 -13.63 1.73 -20.17
N GLN A 264 -12.54 2.23 -20.73
CA GLN A 264 -12.31 2.25 -22.18
C GLN A 264 -11.24 1.27 -22.66
N GLY A 265 -10.31 0.93 -21.77
CA GLY A 265 -9.21 0.05 -22.13
C GLY A 265 -9.68 -1.24 -22.77
N ALA A 266 -8.96 -1.68 -23.80
CA ALA A 266 -9.34 -2.90 -24.51
C ALA A 266 -9.33 -4.09 -23.55
N LEU A 267 -8.50 -4.01 -22.52
CA LEU A 267 -8.27 -5.14 -21.63
C LEU A 267 -9.11 -5.08 -20.35
N ARG A 268 -10.17 -4.28 -20.38
CA ARG A 268 -10.98 -4.03 -19.19
C ARG A 268 -11.62 -5.29 -18.61
N SER A 269 -11.83 -6.31 -19.44
CA SER A 269 -12.52 -7.52 -18.99
C SER A 269 -11.57 -8.68 -18.65
N GLU A 270 -10.28 -8.38 -18.57
CA GLU A 270 -9.32 -9.31 -17.98
C GLU A 270 -9.64 -9.56 -16.52
N THR A 271 -9.48 -10.80 -16.08
CA THR A 271 -9.61 -11.14 -14.68
C THR A 271 -8.49 -10.51 -13.86
N GLY A 272 -8.84 -9.94 -12.72
CA GLY A 272 -7.85 -9.44 -11.79
C GLY A 272 -8.32 -8.22 -11.02
N GLY A 273 -7.42 -7.68 -10.22
CA GLY A 273 -7.71 -6.48 -9.48
C GLY A 273 -7.40 -5.24 -10.29
N LEU A 274 -8.36 -4.30 -10.30
N LEU A 274 -8.36 -4.31 -10.31
CA LEU A 274 -8.24 -3.03 -10.98
CA LEU A 274 -8.20 -3.04 -11.01
C LEU A 274 -7.72 -1.94 -10.05
C LEU A 274 -7.67 -1.98 -10.04
N SER A 275 -6.70 -1.21 -10.52
CA SER A 275 -6.05 -0.15 -9.76
C SER A 275 -6.02 1.13 -10.56
N GLY A 276 -5.57 2.21 -9.93
CA GLY A 276 -5.45 3.47 -10.65
C GLY A 276 -6.70 4.32 -10.58
N LYS A 277 -6.85 5.21 -11.54
CA LYS A 277 -7.87 6.24 -11.44
C LYS A 277 -9.31 5.73 -11.27
N PRO A 278 -9.68 4.61 -11.93
CA PRO A 278 -11.06 4.13 -11.74
C PRO A 278 -11.38 3.62 -10.33
N LEU A 279 -10.34 3.41 -9.54
CA LEU A 279 -10.45 2.97 -8.16
C LEU A 279 -10.52 4.15 -7.19
N ARG A 280 -10.12 5.33 -7.64
CA ARG A 280 -9.79 6.41 -6.72
C ARG A 280 -10.92 6.72 -5.75
N ASP A 281 -12.09 7.06 -6.28
CA ASP A 281 -13.13 7.56 -5.41
C ASP A 281 -13.82 6.41 -4.66
N LEU A 282 -13.82 5.22 -5.25
N LEU A 282 -13.82 5.21 -5.24
CA LEU A 282 -14.30 4.04 -4.55
CA LEU A 282 -14.27 4.03 -4.52
C LEU A 282 -13.48 3.82 -3.28
C LEU A 282 -13.49 3.87 -3.22
N SER A 283 -12.16 3.99 -3.40
N SER A 283 -12.17 4.00 -3.32
N SER A 283 -12.13 4.06 -3.43
CA SER A 283 -11.25 3.87 -2.25
CA SER A 283 -11.31 3.81 -2.16
CA SER A 283 -11.29 3.85 -2.24
C SER A 283 -11.52 4.96 -1.22
C SER A 283 -11.49 4.97 -1.18
C SER A 283 -11.51 4.96 -1.21
N THR A 284 -11.62 6.19 -1.69
CA THR A 284 -11.84 7.35 -0.83
C THR A 284 -13.13 7.18 -0.04
N GLN A 285 -14.17 6.69 -0.69
CA GLN A 285 -15.43 6.48 0.02
C GLN A 285 -15.32 5.37 1.06
N THR A 286 -14.49 4.37 0.76
CA THR A 286 -14.29 3.29 1.72
C THR A 286 -13.53 3.83 2.94
N ILE A 287 -12.59 4.73 2.72
CA ILE A 287 -11.88 5.40 3.82
C ILE A 287 -12.88 6.17 4.68
N ARG A 288 -13.75 6.92 4.01
CA ARG A 288 -14.74 7.75 4.69
C ARG A 288 -15.62 6.91 5.61
N GLU A 289 -16.11 5.79 5.08
CA GLU A 289 -16.99 4.92 5.84
C GLU A 289 -16.25 4.25 7.01
N MET A 290 -15.05 3.74 6.78
CA MET A 290 -14.30 3.07 7.86
C MET A 290 -13.87 4.05 8.96
N TYR A 291 -13.56 5.29 8.58
CA TYR A 291 -13.22 6.31 9.56
C TYR A 291 -14.41 6.56 10.48
N ALA A 292 -15.59 6.74 9.88
CA ALA A 292 -16.80 6.95 10.67
C ALA A 292 -17.14 5.73 11.54
N LEU A 293 -17.04 4.53 10.99
CA LEU A 293 -17.38 3.32 11.73
C LEU A 293 -16.44 3.07 12.91
N THR A 294 -15.22 3.60 12.83
CA THR A 294 -14.25 3.45 13.92
C THR A 294 -14.08 4.75 14.72
N GLN A 295 -15.01 5.69 14.56
CA GLN A 295 -15.01 6.95 15.30
C GLN A 295 -13.71 7.74 15.19
N GLY A 296 -12.99 7.54 14.10
CA GLY A 296 -11.77 8.28 13.85
C GLY A 296 -10.62 7.91 14.78
N ARG A 297 -10.79 6.81 15.50
CA ARG A 297 -9.79 6.38 16.48
C ARG A 297 -8.83 5.31 15.96
N VAL A 298 -9.03 4.86 14.73
CA VAL A 298 -8.21 3.81 14.12
C VAL A 298 -7.50 4.41 12.91
N PRO A 299 -6.17 4.55 12.97
CA PRO A 299 -5.42 5.10 11.84
C PRO A 299 -5.70 4.39 10.54
N ILE A 300 -5.87 5.15 9.46
CA ILE A 300 -6.11 4.60 8.15
C ILE A 300 -5.00 5.04 7.20
N ILE A 301 -4.47 4.08 6.45
CA ILE A 301 -3.59 4.38 5.34
C ILE A 301 -4.45 4.29 4.08
N GLY A 302 -4.58 5.40 3.38
CA GLY A 302 -5.46 5.51 2.23
C GLY A 302 -4.75 5.27 0.93
N VAL A 303 -5.33 4.45 0.06
CA VAL A 303 -4.64 4.03 -1.14
C VAL A 303 -5.66 3.65 -2.21
N GLY A 304 -5.35 4.07 -3.43
CA GLY A 304 -6.17 3.81 -4.60
C GLY A 304 -6.29 5.05 -5.47
N GLY A 305 -5.62 5.01 -6.63
CA GLY A 305 -5.74 6.04 -7.63
C GLY A 305 -5.17 7.42 -7.29
N VAL A 306 -4.20 7.48 -6.38
CA VAL A 306 -3.56 8.75 -6.05
C VAL A 306 -2.45 9.08 -7.05
N SER A 307 -2.58 10.23 -7.71
CA SER A 307 -1.49 10.73 -8.55
C SER A 307 -1.30 12.23 -8.45
N SER A 308 -2.00 12.88 -7.52
CA SER A 308 -1.85 14.30 -7.31
C SER A 308 -2.06 14.69 -5.85
N GLY A 309 -1.69 15.92 -5.53
CA GLY A 309 -1.92 16.47 -4.22
C GLY A 309 -3.40 16.47 -3.88
N GLN A 310 -4.24 16.82 -4.86
CA GLN A 310 -5.69 16.79 -4.62
C GLN A 310 -6.15 15.38 -4.22
N ASP A 311 -5.71 14.37 -4.98
CA ASP A 311 -6.09 13.00 -4.68
C ASP A 311 -5.68 12.64 -3.25
N ALA A 312 -4.46 13.00 -2.87
CA ALA A 312 -3.94 12.68 -1.56
C ALA A 312 -4.75 13.38 -0.47
N LEU A 313 -5.01 14.67 -0.67
CA LEU A 313 -5.72 15.44 0.34
C LEU A 313 -7.17 14.97 0.48
N GLU A 314 -7.80 14.54 -0.61
CA GLU A 314 -9.15 14.02 -0.50
C GLU A 314 -9.19 12.79 0.41
N LYS A 315 -8.18 11.94 0.32
CA LYS A 315 -8.15 10.76 1.18
C LYS A 315 -7.84 11.14 2.62
N ILE A 316 -6.95 12.10 2.82
CA ILE A 316 -6.64 12.58 4.18
C ILE A 316 -7.88 13.21 4.83
N ARG A 317 -8.55 14.09 4.11
CA ARG A 317 -9.75 14.73 4.66
C ARG A 317 -10.88 13.72 4.92
N ALA A 318 -10.88 12.62 4.17
CA ALA A 318 -11.85 11.56 4.35
C ALA A 318 -11.54 10.70 5.58
N GLY A 319 -10.31 10.78 6.08
CA GLY A 319 -9.92 10.03 7.26
C GLY A 319 -8.56 9.38 7.25
N ALA A 320 -7.81 9.46 6.16
CA ALA A 320 -6.49 8.82 6.12
C ALA A 320 -5.43 9.65 6.83
N SER A 321 -4.62 9.00 7.66
CA SER A 321 -3.45 9.65 8.27
C SER A 321 -2.24 9.64 7.33
N LEU A 322 -2.20 8.64 6.44
CA LEU A 322 -1.13 8.45 5.48
C LEU A 322 -1.78 8.00 4.19
N VAL A 323 -1.07 8.15 3.07
CA VAL A 323 -1.54 7.59 1.81
C VAL A 323 -0.44 6.78 1.15
N GLN A 324 -0.83 5.92 0.23
CA GLN A 324 0.11 5.22 -0.63
C GLN A 324 -0.31 5.37 -2.09
N LEU A 325 0.66 5.16 -2.97
CA LEU A 325 0.37 5.07 -4.40
C LEU A 325 1.24 3.97 -5.00
N TYR A 326 0.80 3.49 -6.15
CA TYR A 326 1.52 2.49 -6.93
C TYR A 326 1.30 2.75 -8.41
N THR A 327 0.05 2.64 -8.87
CA THR A 327 -0.23 2.66 -10.30
C THR A 327 0.24 3.97 -10.97
N ALA A 328 0.20 5.08 -10.24
CA ALA A 328 0.66 6.36 -10.80
C ALA A 328 2.12 6.29 -11.29
N LEU A 329 2.91 5.50 -10.58
CA LEU A 329 4.32 5.31 -10.90
C LEU A 329 4.47 4.72 -12.30
N THR A 330 3.52 3.85 -12.64
CA THR A 330 3.63 3.13 -13.87
C THR A 330 3.29 4.08 -15.05
N PHE A 331 2.53 5.15 -14.79
CA PHE A 331 2.21 6.15 -15.82
C PHE A 331 3.03 7.44 -15.76
N TRP A 332 3.42 7.87 -14.57
CA TRP A 332 4.12 9.15 -14.40
C TRP A 332 5.62 8.92 -14.14
N GLY A 333 5.98 7.72 -13.69
CA GLY A 333 7.34 7.45 -13.28
C GLY A 333 7.67 8.08 -11.94
N PRO A 334 8.93 7.92 -11.50
CA PRO A 334 9.39 8.40 -10.19
C PRO A 334 9.08 9.86 -9.84
N PRO A 335 9.07 10.77 -10.83
CA PRO A 335 8.79 12.16 -10.45
C PRO A 335 7.42 12.37 -9.81
N VAL A 336 6.53 11.40 -9.91
CA VAL A 336 5.18 11.58 -9.36
C VAL A 336 5.21 11.73 -7.84
N VAL A 337 6.24 11.17 -7.19
CA VAL A 337 6.29 11.24 -5.73
C VAL A 337 6.49 12.68 -5.26
N GLY A 338 7.48 13.37 -5.82
CA GLY A 338 7.71 14.77 -5.50
C GLY A 338 6.54 15.65 -5.91
N LYS A 339 5.91 15.33 -7.03
CA LYS A 339 4.73 16.05 -7.50
C LYS A 339 3.61 16.03 -6.46
N VAL A 340 3.28 14.84 -5.97
CA VAL A 340 2.20 14.69 -5.00
C VAL A 340 2.52 15.43 -3.72
N LYS A 341 3.77 15.32 -3.25
CA LYS A 341 4.15 15.98 -2.02
C LYS A 341 4.06 17.50 -2.16
N ARG A 342 4.56 18.03 -3.28
CA ARG A 342 4.56 19.48 -3.50
C ARG A 342 3.13 20.03 -3.60
N GLU A 343 2.30 19.33 -4.38
CA GLU A 343 0.90 19.74 -4.56
C GLU A 343 0.13 19.62 -3.25
N LEU A 344 0.40 18.56 -2.48
CA LEU A 344 -0.26 18.39 -1.19
C LEU A 344 0.10 19.52 -0.23
N GLU A 345 1.37 19.87 -0.17
CA GLU A 345 1.80 20.98 0.69
C GLU A 345 1.06 22.27 0.32
N ALA A 346 1.04 22.57 -0.97
CA ALA A 346 0.39 23.78 -1.46
C ALA A 346 -1.10 23.82 -1.12
N LEU A 347 -1.80 22.71 -1.32
CA LEU A 347 -3.22 22.64 -1.00
C LEU A 347 -3.51 22.77 0.47
N LEU A 348 -2.66 22.18 1.32
CA LEU A 348 -2.83 22.31 2.77
C LEU A 348 -2.81 23.80 3.15
N LYS A 349 -1.85 24.52 2.60
CA LYS A 349 -1.72 25.95 2.88
C LYS A 349 -2.94 26.70 2.38
N GLU A 350 -3.36 26.38 1.16
CA GLU A 350 -4.50 27.03 0.52
C GLU A 350 -5.82 26.83 1.26
N GLN A 351 -5.95 25.69 1.96
CA GLN A 351 -7.18 25.38 2.66
C GLN A 351 -7.09 25.67 4.16
N GLY A 352 -5.98 26.28 4.57
CA GLY A 352 -5.83 26.79 5.92
C GLY A 352 -5.45 25.74 6.96
N PHE A 353 -4.88 24.62 6.52
CA PHE A 353 -4.39 23.60 7.43
C PHE A 353 -2.95 23.89 7.86
N GLY A 354 -2.68 23.74 9.15
CA GLY A 354 -1.33 23.92 9.67
C GLY A 354 -0.38 22.86 9.16
N GLY A 355 -0.91 21.66 8.94
CA GLY A 355 -0.14 20.57 8.39
C GLY A 355 -1.06 19.42 8.11
N VAL A 356 -0.51 18.30 7.65
CA VAL A 356 -1.29 17.11 7.35
C VAL A 356 -2.17 16.70 8.51
N THR A 357 -1.61 16.74 9.73
CA THR A 357 -2.32 16.22 10.89
C THR A 357 -3.65 16.95 11.09
N ASP A 358 -3.65 18.25 10.84
CA ASP A 358 -4.85 19.05 10.99
C ASP A 358 -5.95 18.67 9.99
N ALA A 359 -5.54 18.12 8.86
CA ALA A 359 -6.49 17.78 7.79
C ALA A 359 -7.10 16.39 7.94
N ILE A 360 -6.48 15.54 8.75
CA ILE A 360 -6.97 14.15 8.86
C ILE A 360 -8.41 14.13 9.36
N GLY A 361 -9.28 13.59 8.53
CA GLY A 361 -10.68 13.43 8.88
C GLY A 361 -11.47 14.72 8.88
N ALA A 362 -10.90 15.79 8.33
CA ALA A 362 -11.52 17.12 8.38
C ALA A 362 -12.93 17.18 7.78
N ASP A 363 -13.21 16.33 6.79
CA ASP A 363 -14.53 16.34 6.15
C ASP A 363 -15.63 15.94 7.12
N HIS A 364 -15.28 15.16 8.14
CA HIS A 364 -16.27 14.66 9.09
C HIS A 364 -16.64 15.69 10.14
N ARG A 365 -15.87 16.77 10.19
CA ARG A 365 -16.06 17.84 11.16
C ARG A 365 -16.61 19.08 10.46
N1 FMN B . -1.57 -5.19 -2.55
C2 FMN B . -1.19 -6.05 -1.56
O2 FMN B . -1.66 -5.91 -0.43
N3 FMN B . -0.31 -7.07 -1.84
C4 FMN B . 0.24 -7.22 -3.09
O4 FMN B . 1.07 -8.14 -3.28
C4A FMN B . -0.16 -6.34 -4.10
N5 FMN B . 0.32 -6.47 -5.39
C5A FMN B . -0.05 -5.57 -6.36
C6 FMN B . 0.45 -5.68 -7.66
C7 FMN B . 0.09 -4.79 -8.65
C7M FMN B . 0.67 -4.96 -10.03
C8 FMN B . -0.80 -3.77 -8.34
C8M FMN B . -1.24 -2.76 -9.38
C9 FMN B . -1.32 -3.65 -7.07
C9A FMN B . -0.95 -4.55 -6.07
N10 FMN B . -1.45 -4.43 -4.78
C10 FMN B . -1.06 -5.32 -3.81
C1' FMN B . -2.44 -3.35 -4.44
C2' FMN B . -1.77 -2.02 -4.14
O2' FMN B . -1.03 -2.16 -2.95
C3' FMN B . -2.81 -0.92 -3.93
O3' FMN B . -3.61 -1.28 -2.81
C4' FMN B . -3.73 -0.73 -5.15
O4' FMN B . -3.02 -0.97 -6.36
C5' FMN B . -4.35 0.66 -5.23
O5' FMN B . -3.39 1.68 -5.29
P FMN B . -3.02 2.39 -6.70
O1P FMN B . -2.18 1.39 -7.49
O2P FMN B . -2.23 3.61 -6.35
O3P FMN B . -4.32 2.73 -7.38
HN3 FMN B . -0.04 -7.74 -1.08
H6 FMN B . 1.15 -6.49 -7.89
HM71 FMN B . 0.30 -4.19 -10.68
HM72 FMN B . 0.40 -5.94 -10.41
HM73 FMN B . 1.76 -4.89 -9.97
HM81 FMN B . -1.92 -2.05 -8.92
HM82 FMN B . -1.73 -3.28 -10.20
HM83 FMN B . -0.36 -2.24 -9.76
H9 FMN B . -2.00 -2.84 -6.83
H1'1 FMN B . -3.02 -3.65 -3.56
H1'2 FMN B . -3.13 -3.22 -5.27
H2' FMN B . -1.12 -1.74 -4.97
HO2' FMN B . -1.37 -1.53 -2.28
H3' FMN B . -2.31 0.02 -3.72
HO3' FMN B . -4.56 -1.33 -3.08
H4' FMN B . -4.54 -1.46 -5.08
HO4' FMN B . -3.11 -0.20 -6.95
H5'1 FMN B . -4.98 0.81 -4.36
H5'2 FMN B . -5.01 0.71 -6.11
N1 ORO C . -2.77 -8.26 -6.51
C2 ORO C . -3.55 -7.13 -5.95
O2 ORO C . -4.07 -6.34 -6.72
N3 ORO C . -3.60 -7.14 -4.59
C4 ORO C . -3.01 -8.07 -3.75
O4 ORO C . -3.11 -8.01 -2.53
C5 ORO C . -2.22 -9.19 -4.38
C6 ORO C . -2.17 -9.14 -5.79
C7 ORO C . -1.39 -10.36 -6.55
O71 ORO C . -0.32 -10.68 -6.03
O72 ORO C . -2.09 -10.74 -7.49
S SO4 D . 16.61 -7.06 21.31
O1 SO4 D . 16.64 -5.71 21.82
O2 SO4 D . 17.56 -7.90 22.04
O3 SO4 D . 15.26 -7.59 21.46
O4 SO4 D . 16.98 -7.05 19.88
S SO4 E . -12.94 -15.85 -4.20
O1 SO4 E . -12.74 -15.25 -2.89
O2 SO4 E . -12.77 -17.30 -4.10
O3 SO4 E . -14.28 -15.54 -4.69
O4 SO4 E . -11.94 -15.31 -5.14
C ACT F . 12.69 -0.88 12.45
O ACT F . 13.70 -0.42 11.88
OXT ACT F . 12.03 -1.73 11.79
CH3 ACT F . 12.34 -0.42 13.82
H1 ACT F . 11.44 -0.94 14.16
H2 ACT F . 12.16 0.65 13.81
H3 ACT F . 13.16 -0.64 14.50
C ACT G . 19.49 -10.96 -3.17
O ACT G . 19.29 -10.29 -2.13
OXT ACT G . 19.64 -10.30 -4.23
CH3 ACT G . 19.55 -12.45 -3.15
H1 ACT G . 19.72 -12.82 -4.16
H2 ACT G . 18.59 -12.85 -2.80
H3 ACT G . 20.35 -12.78 -2.50
N1 LDA H . -8.18 9.75 -16.39
O1 LDA H . -9.17 9.55 -17.15
CM1 LDA H . -7.05 10.53 -17.14
CM2 LDA H . -7.46 8.49 -16.07
C1 LDA H . -8.50 10.50 -15.01
C2 LDA H . -9.50 9.67 -14.18
C3 LDA H . -10.87 10.33 -13.96
C4 LDA H . -12.06 9.31 -14.18
C5 LDA H . -12.72 8.80 -12.90
C6 LDA H . -12.87 7.28 -12.85
C7 LDA H . -14.10 6.84 -12.06
C8 LDA H . -14.29 5.30 -11.94
C9 LDA H . -15.73 4.83 -11.64
C10 LDA H . -16.67 5.91 -11.14
C11 LDA H . -17.78 5.39 -10.28
C12 LDA H . -18.30 6.52 -9.42
HM11 LDA H . -6.23 10.66 -16.46
HM12 LDA H . -7.44 11.50 -17.45
HM13 LDA H . -6.69 10.01 -18.05
HM21 LDA H . -7.10 8.06 -17.01
HM22 LDA H . -8.08 7.75 -15.51
HM23 LDA H . -6.59 8.73 -15.45
H11 LDA H . -8.85 11.50 -15.28
H12 LDA H . -7.53 10.66 -14.51
H21 LDA H . -9.01 9.44 -13.23
H22 LDA H . -9.61 8.70 -14.68
H31 LDA H . -10.96 11.18 -14.63
H32 LDA H . -10.91 10.72 -12.93
H41 LDA H . -11.70 8.47 -14.76
H42 LDA H . -12.83 9.81 -14.80
H51 LDA H . -13.70 9.26 -12.79
H52 LDA H . -12.13 9.13 -12.04
H61 LDA H . -11.97 6.84 -12.41
H62 LDA H . -12.94 6.89 -13.88
H71 LDA H . -14.05 7.27 -11.06
H72 LDA H . -14.99 7.27 -12.53
H81 LDA H . -13.63 4.89 -11.18
H82 LDA H . -13.98 4.87 -12.89
H91 LDA H . -15.70 4.07 -10.87
H92 LDA H . -16.13 4.36 -12.54
H101 LDA H . -16.11 6.66 -10.56
H102 LDA H . -17.11 6.45 -11.99
H111 LDA H . -17.45 4.58 -9.64
H112 LDA H . -18.59 5.02 -10.92
H121 LDA H . -19.06 6.21 -8.69
H122 LDA H . -18.76 7.37 -10.00
H123 LDA H . -17.52 7.00 -8.83
C ACT I . -24.95 -3.88 0.64
O ACT I . -23.76 -3.48 0.71
OXT ACT I . -25.80 -3.01 0.43
CH3 ACT I . -25.33 -5.32 0.81
H1 ACT I . -24.43 -5.92 0.99
H2 ACT I . -25.82 -5.68 -0.09
H3 ACT I . -26.01 -5.43 1.66
C13 B6O J . 7.60 2.41 -13.96
C17 B6O J . 10.03 2.12 -15.20
C20 B6O J . 11.23 3.56 -13.56
C21 B6O J . 11.65 3.34 -12.26
C22 B6O J . 12.82 3.92 -11.79
C24 B6O J . 13.21 4.95 -13.93
C28 B6O J . 13.54 6.07 -16.19
C1 B6O J . 2.34 -3.11 -12.96
C2 B6O J . 3.28 -2.83 -12.00
C3 B6O J . 4.33 -1.95 -12.28
C4 B6O J . 4.43 -1.37 -13.53
C5 B6O J . 5.59 -0.46 -13.75
O6 B6O J . 6.41 -0.22 -12.88
C7 B6O J . 5.66 0.14 -15.07
C8 B6O J . 4.71 -0.14 -16.05
N9 B6O J . 5.06 0.57 -17.20
N10 B6O J . 6.11 1.25 -16.96
N11 B6O J . 6.55 1.01 -15.65
C12 B6O J . 7.69 1.62 -15.12
C14 B6O J . 8.76 3.05 -13.46
F15 B6O J . 8.65 3.78 -12.35
C16 B6O J . 10.02 2.92 -14.05
F18 B6O J . 11.19 1.96 -15.84
C19 B6O J . 8.92 1.49 -15.75
C23 B6O J . 13.61 4.72 -12.61
C25 B6O J . 12.02 4.36 -14.38
N26 B6O J . 13.99 5.76 -14.83
C27 B6O J . 15.29 6.29 -14.44
C29 B6O J . 3.59 -1.04 -15.86
O30 B6O J . 2.77 -1.27 -16.74
C31 B6O J . 3.49 -1.66 -14.51
C32 B6O J . 2.44 -2.53 -14.22
H131 B6O J . 6.64 2.55 -13.45
H211 B6O J . 11.07 2.71 -11.58
H221 B6O J . 13.14 3.74 -10.75
H283 B6O J . 12.47 6.26 -16.33
H281 B6O J . 13.81 5.23 -16.85
H282 B6O J . 14.06 6.94 -16.61
H011 B6O J . 1.53 -3.80 -12.72
H021 B6O J . 3.21 -3.29 -11.01
H031 B6O J . 5.07 -1.75 -11.49
H191 B6O J . 9.04 0.89 -16.66
H231 B6O J . 14.53 5.16 -12.20
H251 B6O J . 11.72 4.52 -15.42
H271 B6O J . 15.94 5.48 -14.05
H272 B6O J . 15.30 7.10 -13.69
H273 B6O J . 15.82 6.71 -15.32
H321 B6O J . 1.68 -2.78 -14.95
C ACT K . -0.07 -7.75 -21.86
O ACT K . -0.53 -6.72 -21.32
OXT ACT K . -0.64 -8.09 -22.92
CH3 ACT K . 1.06 -8.53 -21.27
C ACT L . -24.09 -9.27 3.14
O ACT L . -24.87 -8.40 3.57
OXT ACT L . -24.51 -9.95 2.16
CH3 ACT L . -22.73 -9.50 3.71
NA NA M . 15.21 -2.65 11.50
NA NA N . -24.64 -5.45 3.50
NA NA O . 9.03 -2.08 16.35
#